data_6XPC
#
_entry.id   6XPC
#
_cell.length_a   105.395
_cell.length_b   124.679
_cell.length_c   104.989
_cell.angle_alpha   90.000
_cell.angle_beta   90.000
_cell.angle_gamma   90.000
#
_symmetry.space_group_name_H-M   'C 2 2 21'
#
loop_
_entity.id
_entity.type
_entity.pdbx_description
1 polymer 'Glutathione hydrolase 1 heavy chain'
2 polymer 'Glutathione hydrolase 1 light chain'
3 non-polymer 2-acetamido-2-deoxy-beta-D-glucopyranose
4 non-polymer 'CHLORIDE ION'
5 non-polymer 'SODIUM ION'
6 non-polymer GLUTATHIONE
7 water water
#
loop_
_entity_poly.entity_id
_entity_poly.type
_entity_poly.pdbx_seq_one_letter_code
_entity_poly.pdbx_strand_id
1 'polypeptide(L)'
;SASKEPDNHVYTRAAVAADAKQCSKIGRDALRDGGSAVDAAIAALLCVGLMNAHSMGIGGGLFLTIYNSTTRKAEVINAR
EVAPRLAFATMFNSSEQSQKGGLSVAVPGEIRGYELAHQRHGRLPWARLFQPSIQLARQGFPVGKGLAAALENKRTVIEQ
QPVLCEVFCRDRKVLREGERLTLPQLADTYETLAIEGAQAFYNGSLTAQIVKDIQAAGGIVTAEDLNNYRAELIEHPLNI
SLGDAVLYMPSAPLSGPVLALILNILKGYNFSRESVESPEQKGLTYHRIVEAFRFAYAKRTLLGDPKFVDVTEVVRNMTS
EFFAAQLRAQISDDTTHPISYYKPEFYTPDDGG
;
A
2 'polypeptide(L)'
;TAHLSVVAEDGSAVSATSTINLYFGSKVRSPVSGILFNNEMDDFSSPSITNEFGVPPSPANFIQPGKQPLSSMCPTIMVG
QDGQVRMVVGAAGGTQITTATALAIIYNLWFGYDVKRAVEEPRLHNQLLPNVTTVERNIDQAVTAALETRHHHTQIASTF
IAVVQAIVRTAGGWAAASDSRKGGEPAGY
;
B
#
# COMPACT_ATOMS: atom_id res chain seq x y z
N ASP A 7 -10.52 1.84 24.49
CA ASP A 7 -11.18 2.94 23.73
C ASP A 7 -12.14 2.39 22.66
N ASN A 8 -12.91 3.28 22.05
CA ASN A 8 -13.72 2.96 20.86
C ASN A 8 -13.13 3.60 19.58
N HIS A 9 -12.28 4.60 19.78
CA HIS A 9 -11.49 5.23 18.71
C HIS A 9 -12.29 6.21 17.87
N VAL A 10 -13.16 6.95 18.56
CA VAL A 10 -13.77 8.15 18.01
C VAL A 10 -13.08 9.32 18.72
N TYR A 11 -12.59 10.29 17.95
CA TYR A 11 -11.83 11.40 18.53
C TYR A 11 -12.42 12.73 18.09
N THR A 12 -12.35 13.73 18.95
CA THR A 12 -12.99 15.03 18.72
C THR A 12 -12.26 15.87 17.69
N ARG A 13 -10.94 15.78 17.69
CA ARG A 13 -10.10 16.74 16.97
C ARG A 13 -9.21 16.13 15.87
N ALA A 14 -8.68 14.92 16.10
CA ALA A 14 -7.68 14.33 15.18
C ALA A 14 -7.43 12.86 15.45
N ALA A 15 -6.94 12.16 14.43
CA ALA A 15 -6.72 10.74 14.54
C ALA A 15 -5.65 10.25 13.60
N VAL A 16 -4.99 9.18 14.03
CA VAL A 16 -3.96 8.56 13.24
C VAL A 16 -4.25 7.07 13.30
N ALA A 17 -4.39 6.44 12.15
CA ALA A 17 -4.62 5.02 12.11
C ALA A 17 -3.42 4.31 11.45
N ALA A 18 -2.58 3.67 12.26
CA ALA A 18 -1.40 2.93 11.77
C ALA A 18 -1.47 1.47 12.20
N ASP A 19 -0.56 0.65 11.65
CA ASP A 19 -0.59 -0.80 11.89
C ASP A 19 0.32 -1.22 13.04
N ALA A 20 0.68 -0.25 13.86
CA ALA A 20 1.26 -0.52 15.18
C ALA A 20 0.84 0.62 16.10
N LYS A 21 0.35 0.24 17.28
CA LYS A 21 -0.14 1.20 18.30
C LYS A 21 0.87 2.31 18.59
N GLN A 22 2.10 1.93 18.89
CA GLN A 22 3.14 2.90 19.22
C GLN A 22 3.33 3.96 18.11
N CYS A 23 3.14 3.57 16.84
CA CYS A 23 3.32 4.51 15.73
C CYS A 23 2.11 5.45 15.57
N SER A 24 0.89 4.94 15.75
CA SER A 24 -0.26 5.83 15.83
C SER A 24 -0.04 6.89 16.93
N LYS A 25 0.51 6.47 18.06
CA LYS A 25 0.74 7.39 19.19
C LYS A 25 1.78 8.44 18.84
N ILE A 26 2.83 8.00 18.15
CA ILE A 26 3.87 8.91 17.73
C ILE A 26 3.34 9.93 16.72
N GLY A 27 2.44 9.49 15.85
CA GLY A 27 1.79 10.42 14.92
C GLY A 27 0.88 11.40 15.65
N ARG A 28 0.16 10.88 16.63
CA ARG A 28 -0.76 11.68 17.43
C ARG A 28 0.00 12.76 18.22
N ASP A 29 1.08 12.36 18.89
CA ASP A 29 1.91 13.32 19.64
C ASP A 29 2.43 14.43 18.75
N ALA A 30 2.82 14.08 17.53
CA ALA A 30 3.28 15.06 16.59
C ALA A 30 2.15 16.07 16.26
N LEU A 31 0.91 15.56 16.05
CA LEU A 31 -0.23 16.44 15.85
C LEU A 31 -0.41 17.37 17.06
N ARG A 32 -0.34 16.78 18.26
CA ARG A 32 -0.50 17.46 19.55
CA ARG A 32 -0.55 17.54 19.49
C ARG A 32 0.52 18.59 19.77
N ASP A 33 1.70 18.42 19.17
CA ASP A 33 2.78 19.38 19.31
C ASP A 33 2.71 20.46 18.24
N GLY A 34 1.62 20.48 17.46
CA GLY A 34 1.46 21.47 16.38
C GLY A 34 1.85 21.04 14.97
N GLY A 35 2.21 19.76 14.79
CA GLY A 35 2.49 19.23 13.45
C GLY A 35 1.25 19.19 12.55
N SER A 36 1.45 19.40 11.24
CA SER A 36 0.36 19.15 10.28
C SER A 36 0.13 17.64 10.13
N ALA A 37 -0.90 17.31 9.35
CA ALA A 37 -1.14 15.92 8.99
C ALA A 37 0.09 15.23 8.37
N VAL A 38 0.87 16.00 7.59
CA VAL A 38 2.08 15.47 6.98
C VAL A 38 3.19 15.15 8.00
N ASP A 39 3.47 16.09 8.93
CA ASP A 39 4.45 15.86 10.01
C ASP A 39 4.11 14.57 10.76
N ALA A 40 2.82 14.40 11.02
CA ALA A 40 2.35 13.23 11.75
C ALA A 40 2.57 11.99 10.93
N ALA A 41 2.21 12.08 9.64
CA ALA A 41 2.34 10.94 8.75
C ALA A 41 3.80 10.53 8.71
N ILE A 42 4.69 11.51 8.54
CA ILE A 42 6.11 11.21 8.42
C ILE A 42 6.63 10.58 9.70
N ALA A 43 6.30 11.19 10.84
CA ALA A 43 6.73 10.68 12.14
C ALA A 43 6.27 9.24 12.36
N ALA A 44 4.98 8.99 12.08
CA ALA A 44 4.43 7.63 12.18
C ALA A 44 5.08 6.65 11.19
N LEU A 45 5.32 7.10 9.97
CA LEU A 45 5.97 6.25 8.98
C LEU A 45 7.37 5.80 9.36
N LEU A 46 8.14 6.72 9.94
CA LEU A 46 9.46 6.43 10.42
C LEU A 46 9.43 5.31 11.47
N CYS A 47 8.42 5.36 12.32
CA CYS A 47 8.20 4.36 13.33
C CYS A 47 7.77 3.01 12.76
N VAL A 48 6.81 3.06 11.83
CA VAL A 48 6.36 1.83 11.15
C VAL A 48 7.54 1.13 10.46
N GLY A 49 8.51 1.90 9.99
CA GLY A 49 9.68 1.33 9.36
C GLY A 49 10.52 0.53 10.34
N LEU A 50 10.27 0.74 11.64
CA LEU A 50 10.96 0.01 12.70
C LEU A 50 10.12 -1.16 13.17
N MET A 51 8.89 -0.88 13.56
CA MET A 51 8.05 -1.89 14.18
C MET A 51 7.51 -2.88 13.16
N ASN A 52 7.31 -2.40 11.94
CA ASN A 52 6.94 -3.30 10.87
C ASN A 52 8.01 -3.32 9.81
N ALA A 53 9.22 -3.62 10.27
CA ALA A 53 10.41 -3.58 9.40
C ALA A 53 10.29 -4.49 8.19
N HIS A 54 9.46 -5.54 8.31
CA HIS A 54 9.27 -6.48 7.20
C HIS A 54 8.48 -5.84 6.05
N SER A 55 7.71 -4.79 6.36
CA SER A 55 6.71 -4.22 5.47
C SER A 55 7.17 -3.02 4.66
N MET A 56 7.99 -2.16 5.24
CA MET A 56 8.26 -0.82 4.70
C MET A 56 9.42 -0.19 5.46
N GLY A 57 9.96 0.88 4.90
CA GLY A 57 10.98 1.67 5.60
C GLY A 57 11.81 2.44 4.60
N ILE A 58 12.91 3.02 5.07
CA ILE A 58 13.71 3.92 4.25
C ILE A 58 14.49 3.19 3.11
N GLY A 59 14.43 1.87 3.05
CA GLY A 59 14.98 1.14 1.89
C GLY A 59 13.97 0.93 0.77
N GLY A 60 12.78 1.49 0.94
CA GLY A 60 11.68 1.22 0.01
C GLY A 60 11.20 2.49 -0.66
N GLY A 61 9.90 2.54 -0.95
CA GLY A 61 9.31 3.70 -1.62
C GLY A 61 7.86 3.91 -1.21
N LEU A 62 7.30 5.08 -1.49
CA LEU A 62 5.95 5.40 -1.04
C LEU A 62 5.15 6.35 -1.92
N PHE A 63 3.83 6.31 -1.74
CA PHE A 63 2.94 7.32 -2.29
C PHE A 63 2.16 7.97 -1.15
N LEU A 64 2.00 9.28 -1.21
CA LEU A 64 1.15 9.99 -0.27
C LEU A 64 0.04 10.68 -1.04
N THR A 65 -1.20 10.46 -0.61
CA THR A 65 -2.33 11.26 -1.08
C THR A 65 -2.60 12.26 0.01
N ILE A 66 -2.62 13.54 -0.36
CA ILE A 66 -2.69 14.60 0.62
C ILE A 66 -3.81 15.55 0.28
N TYR A 67 -4.65 15.83 1.28
CA TYR A 67 -5.73 16.78 1.11
C TYR A 67 -5.56 17.93 2.06
N ASN A 68 -5.52 19.13 1.48
CA ASN A 68 -5.39 20.38 2.22
C ASN A 68 -6.76 21.01 2.42
N SER A 69 -7.18 21.19 3.67
CA SER A 69 -8.54 21.72 3.94
C SER A 69 -8.67 23.23 3.72
N THR A 70 -7.53 23.93 3.79
CA THR A 70 -7.47 25.37 3.53
C THR A 70 -7.70 25.65 2.05
N THR A 71 -6.84 25.10 1.18
CA THR A 71 -6.97 25.29 -0.26
C THR A 71 -8.09 24.42 -0.87
N ARG A 72 -8.50 23.38 -0.14
CA ARG A 72 -9.45 22.39 -0.64
C ARG A 72 -8.93 21.70 -1.89
N LYS A 73 -7.62 21.51 -1.95
CA LYS A 73 -7.02 20.82 -3.07
C LYS A 73 -6.35 19.56 -2.56
N ALA A 74 -6.36 18.54 -3.40
CA ALA A 74 -5.73 17.26 -3.12
C ALA A 74 -4.54 17.10 -4.02
N GLU A 75 -3.52 16.44 -3.51
CA GLU A 75 -2.36 16.19 -4.32
C GLU A 75 -1.81 14.81 -4.01
N VAL A 76 -0.92 14.34 -4.87
CA VAL A 76 -0.26 13.07 -4.67
C VAL A 76 1.24 13.28 -4.72
N ILE A 77 1.97 12.64 -3.81
CA ILE A 77 3.41 12.61 -3.94
C ILE A 77 3.90 11.22 -4.31
N ASN A 78 4.47 11.12 -5.50
CA ASN A 78 4.99 9.86 -6.01
C ASN A 78 6.43 9.78 -5.56
N ALA A 79 6.69 8.85 -4.63
CA ALA A 79 8.07 8.57 -4.21
C ALA A 79 8.35 7.07 -4.25
N ARG A 80 7.87 6.44 -5.32
CA ARG A 80 8.07 5.02 -5.52
C ARG A 80 9.47 4.79 -6.13
N GLU A 81 10.08 3.66 -5.78
CA GLU A 81 11.36 3.28 -6.34
C GLU A 81 11.34 3.27 -7.88
N VAL A 82 12.50 3.48 -8.51
CA VAL A 82 12.64 3.40 -9.98
C VAL A 82 13.73 2.39 -10.30
N ALA A 83 13.66 1.78 -11.48
CA ALA A 83 14.71 0.91 -11.95
C ALA A 83 16.01 1.71 -12.06
N PRO A 84 17.14 1.13 -11.63
CA PRO A 84 18.42 1.81 -11.75
C PRO A 84 18.77 2.07 -13.24
N ARG A 85 19.69 2.98 -13.48
CA ARG A 85 20.03 3.42 -14.83
C ARG A 85 20.60 2.26 -15.69
N LEU A 86 21.17 1.25 -15.01
CA LEU A 86 21.78 0.11 -15.69
C LEU A 86 20.83 -1.09 -15.82
N ALA A 87 19.59 -0.96 -15.36
CA ALA A 87 18.59 -2.05 -15.53
C ALA A 87 18.14 -2.22 -16.99
N PHE A 88 17.68 -3.42 -17.34
CA PHE A 88 17.12 -3.67 -18.69
C PHE A 88 16.05 -4.79 -18.70
N ALA A 89 15.16 -4.74 -19.69
CA ALA A 89 14.04 -5.67 -19.77
C ALA A 89 14.38 -7.12 -19.44
N THR A 90 15.51 -7.63 -19.93
CA THR A 90 15.77 -9.07 -19.84
C THR A 90 16.78 -9.41 -18.75
N MET A 91 16.88 -8.53 -17.75
CA MET A 91 17.86 -8.72 -16.68
C MET A 91 17.66 -9.93 -15.77
N PHE A 92 16.42 -10.41 -15.66
CA PHE A 92 16.11 -11.56 -14.80
C PHE A 92 15.64 -12.76 -15.60
N ASN A 93 16.06 -13.96 -15.19
CA ASN A 93 15.57 -15.17 -15.84
C ASN A 93 14.80 -16.12 -14.93
N SER A 94 14.82 -15.85 -13.63
CA SER A 94 13.98 -16.57 -12.66
C SER A 94 13.35 -15.60 -11.63
N SER A 95 12.26 -16.03 -11.00
CA SER A 95 11.63 -15.27 -9.92
C SER A 95 12.60 -15.07 -8.77
N GLU A 96 13.38 -16.12 -8.49
CA GLU A 96 14.47 -16.09 -7.50
CA GLU A 96 14.39 -16.02 -7.45
C GLU A 96 15.38 -14.87 -7.69
N GLN A 97 15.80 -14.66 -8.95
CA GLN A 97 16.70 -13.57 -9.30
C GLN A 97 16.07 -12.17 -9.07
N SER A 98 14.74 -12.07 -9.28
CA SER A 98 14.06 -10.77 -9.14
C SER A 98 13.55 -10.54 -7.71
N GLN A 99 13.75 -11.51 -6.82
CA GLN A 99 13.19 -11.44 -5.47
C GLN A 99 14.21 -11.42 -4.35
N LYS A 100 15.42 -11.92 -4.63
CA LYS A 100 16.45 -12.02 -3.62
C LYS A 100 17.76 -11.40 -4.11
N GLY A 101 18.48 -10.70 -3.25
CA GLY A 101 19.81 -10.17 -3.59
C GLY A 101 19.79 -8.72 -4.09
N GLY A 102 20.97 -8.16 -4.31
CA GLY A 102 21.10 -6.75 -4.65
C GLY A 102 20.50 -6.41 -6.00
N LEU A 103 20.48 -7.38 -6.91
CA LEU A 103 19.94 -7.13 -8.26
C LEU A 103 18.44 -6.82 -8.22
N SER A 104 17.76 -7.33 -7.18
CA SER A 104 16.32 -7.14 -7.04
C SER A 104 15.98 -5.77 -6.47
N VAL A 105 17.00 -4.99 -6.11
CA VAL A 105 16.78 -3.73 -5.41
C VAL A 105 16.50 -2.62 -6.41
N ALA A 106 15.40 -1.88 -6.23
CA ALA A 106 15.19 -0.63 -6.99
C ALA A 106 15.68 0.59 -6.19
N VAL A 107 15.87 1.74 -6.84
CA VAL A 107 16.33 2.96 -6.16
C VAL A 107 15.25 3.46 -5.19
N PRO A 108 15.54 3.46 -3.88
CA PRO A 108 14.61 3.86 -2.81
C PRO A 108 14.19 5.31 -2.96
N GLY A 109 12.90 5.61 -2.82
CA GLY A 109 12.44 6.99 -2.91
C GLY A 109 11.90 7.53 -1.60
N GLU A 110 11.82 6.68 -0.59
CA GLU A 110 11.15 7.02 0.69
C GLU A 110 11.54 8.38 1.26
N ILE A 111 12.83 8.59 1.48
CA ILE A 111 13.31 9.79 2.17
C ILE A 111 13.08 11.06 1.33
N ARG A 112 13.30 10.97 0.01
CA ARG A 112 12.96 12.07 -0.89
C ARG A 112 11.49 12.43 -0.84
N GLY A 113 10.64 11.39 -0.76
CA GLY A 113 9.21 11.55 -0.60
C GLY A 113 8.88 12.27 0.69
N TYR A 114 9.47 11.84 1.80
CA TYR A 114 9.22 12.52 3.08
C TYR A 114 9.62 13.99 2.96
N GLU A 115 10.77 14.22 2.30
CA GLU A 115 11.34 15.56 2.21
C GLU A 115 10.44 16.51 1.41
N LEU A 116 9.93 16.07 0.27
CA LEU A 116 9.03 16.86 -0.54
C LEU A 116 7.71 17.13 0.21
N ALA A 117 7.19 16.12 0.89
CA ALA A 117 5.95 16.29 1.62
C ALA A 117 6.18 17.30 2.75
N HIS A 118 7.30 17.16 3.43
CA HIS A 118 7.63 18.08 4.53
C HIS A 118 7.86 19.51 4.02
N GLN A 119 8.59 19.65 2.91
CA GLN A 119 8.81 20.98 2.32
C GLN A 119 7.50 21.70 2.03
N ARG A 120 6.50 20.96 1.57
CA ARG A 120 5.22 21.55 1.17
C ARG A 120 4.24 21.75 2.32
N HIS A 121 4.27 20.87 3.31
CA HIS A 121 3.24 20.87 4.34
C HIS A 121 3.74 20.79 5.78
N GLY A 122 5.04 20.74 5.99
CA GLY A 122 5.57 20.55 7.34
C GLY A 122 5.44 21.75 8.26
N ARG A 123 5.13 21.51 9.54
CA ARG A 123 5.09 22.58 10.53
C ARG A 123 6.11 22.37 11.65
N LEU A 124 6.51 21.13 11.88
CA LEU A 124 7.55 20.79 12.83
C LEU A 124 8.92 20.74 12.18
N PRO A 125 10.00 20.90 12.99
CA PRO A 125 11.33 20.70 12.45
C PRO A 125 11.55 19.26 11.97
N TRP A 126 12.28 19.12 10.88
CA TRP A 126 12.67 17.84 10.31
C TRP A 126 13.23 16.88 11.36
N ALA A 127 14.13 17.35 12.21
CA ALA A 127 14.75 16.49 13.24
C ALA A 127 13.71 15.97 14.21
N ARG A 128 12.68 16.77 14.50
CA ARG A 128 11.65 16.39 15.46
C ARG A 128 10.85 15.16 14.98
N LEU A 129 10.76 14.96 13.67
CA LEU A 129 10.00 13.83 13.15
C LEU A 129 10.70 12.50 13.43
N PHE A 130 12.02 12.55 13.60
CA PHE A 130 12.82 11.35 13.79
C PHE A 130 13.02 11.02 15.25
N GLN A 131 12.92 12.04 16.11
CA GLN A 131 13.30 11.90 17.53
C GLN A 131 12.73 10.66 18.24
N PRO A 132 11.39 10.47 18.20
CA PRO A 132 10.86 9.32 18.95
C PRO A 132 11.24 7.96 18.35
N SER A 133 11.53 7.93 17.05
CA SER A 133 11.89 6.67 16.41
C SER A 133 13.31 6.30 16.70
N ILE A 134 14.20 7.30 16.77
CA ILE A 134 15.58 7.11 17.22
C ILE A 134 15.55 6.46 18.61
N GLN A 135 14.74 7.02 19.51
CA GLN A 135 14.62 6.46 20.86
C GLN A 135 14.14 5.02 20.85
N LEU A 136 13.01 4.80 20.19
CA LEU A 136 12.40 3.50 20.08
C LEU A 136 13.40 2.47 19.56
N ALA A 137 14.17 2.80 18.51
CA ALA A 137 15.10 1.83 17.92
C ALA A 137 16.27 1.46 18.85
N ARG A 138 16.69 2.39 19.69
CA ARG A 138 17.74 2.10 20.68
C ARG A 138 17.24 1.35 21.90
N GLN A 139 16.10 1.78 22.42
CA GLN A 139 15.49 1.19 23.61
C GLN A 139 14.91 -0.21 23.35
N GLY A 140 14.35 -0.37 22.14
CA GLY A 140 13.77 -1.64 21.75
C GLY A 140 12.28 -1.66 22.01
N PHE A 141 11.64 -2.70 21.50
CA PHE A 141 10.19 -2.82 21.62
C PHE A 141 9.82 -4.29 21.48
N PRO A 142 8.70 -4.71 22.09
CA PRO A 142 8.20 -6.07 21.88
C PRO A 142 7.74 -6.30 20.42
N VAL A 143 8.15 -7.42 19.82
CA VAL A 143 7.71 -7.79 18.48
C VAL A 143 6.20 -7.93 18.47
N GLY A 144 5.51 -7.19 17.59
CA GLY A 144 4.04 -7.28 17.48
C GLY A 144 3.54 -8.46 16.66
N LYS A 145 2.22 -8.62 16.62
CA LYS A 145 1.58 -9.72 15.91
C LYS A 145 2.05 -9.82 14.44
N GLY A 146 1.93 -8.72 13.69
CA GLY A 146 2.30 -8.72 12.28
C GLY A 146 3.74 -9.14 11.97
N LEU A 147 4.71 -8.49 12.60
CA LEU A 147 6.11 -8.80 12.41
C LEU A 147 6.43 -10.23 12.84
N ALA A 148 5.86 -10.65 13.96
CA ALA A 148 6.08 -12.02 14.48
C ALA A 148 5.71 -13.06 13.43
N ALA A 149 4.57 -12.86 12.77
CA ALA A 149 4.09 -13.78 11.75
C ALA A 149 4.95 -13.68 10.48
N ALA A 150 5.40 -12.48 10.15
CA ALA A 150 6.33 -12.34 9.04
C ALA A 150 7.63 -13.09 9.36
N LEU A 151 8.13 -12.90 10.58
CA LEU A 151 9.38 -13.54 11.02
C LEU A 151 9.29 -15.06 10.94
N GLU A 152 8.16 -15.62 11.36
CA GLU A 152 7.89 -17.06 11.24
C GLU A 152 7.83 -17.52 9.79
N ASN A 153 7.01 -16.85 8.97
CA ASN A 153 6.91 -17.10 7.52
C ASN A 153 8.28 -17.18 6.79
N LYS A 154 9.26 -16.42 7.28
CA LYS A 154 10.58 -16.34 6.65
C LYS A 154 11.71 -16.86 7.56
N ARG A 155 11.37 -17.71 8.52
CA ARG A 155 12.33 -18.18 9.53
C ARG A 155 13.58 -18.78 8.93
N THR A 156 13.40 -19.64 7.93
CA THR A 156 14.52 -20.28 7.26
C THR A 156 15.49 -19.25 6.69
N VAL A 157 15.00 -18.42 5.76
CA VAL A 157 15.86 -17.45 5.08
C VAL A 157 16.54 -16.49 6.08
N ILE A 158 15.83 -16.08 7.12
CA ILE A 158 16.38 -15.17 8.13
C ILE A 158 17.45 -15.83 8.99
N GLU A 159 17.15 -17.03 9.49
CA GLU A 159 18.08 -17.74 10.37
C GLU A 159 19.40 -18.09 9.70
N GLN A 160 19.40 -18.23 8.38
CA GLN A 160 20.62 -18.57 7.63
C GLN A 160 21.35 -17.36 7.01
N GLN A 161 20.80 -16.17 7.22
CA GLN A 161 21.47 -14.93 6.81
C GLN A 161 21.92 -14.15 8.05
N PRO A 162 23.24 -14.22 8.36
CA PRO A 162 23.80 -13.65 9.59
C PRO A 162 23.50 -12.16 9.76
N VAL A 163 23.57 -11.38 8.69
CA VAL A 163 23.31 -9.95 8.78
C VAL A 163 21.83 -9.65 9.14
N LEU A 164 20.91 -10.52 8.75
CA LEU A 164 19.51 -10.41 9.21
C LEU A 164 19.32 -10.97 10.63
N CYS A 165 19.98 -12.09 10.94
CA CYS A 165 19.85 -12.73 12.24
C CYS A 165 20.33 -11.79 13.37
N GLU A 166 21.37 -11.02 13.03
CA GLU A 166 21.94 -10.02 13.92
C GLU A 166 20.89 -9.21 14.70
N VAL A 167 19.80 -8.83 14.04
CA VAL A 167 18.75 -8.03 14.68
C VAL A 167 17.44 -8.78 14.84
N PHE A 168 17.20 -9.78 13.99
CA PHE A 168 15.89 -10.43 14.00
C PHE A 168 15.86 -11.81 14.68
N CYS A 169 17.00 -12.23 15.25
CA CYS A 169 17.04 -13.47 16.04
C CYS A 169 17.39 -13.23 17.50
N ARG A 170 16.99 -14.18 18.35
CA ARG A 170 17.49 -14.29 19.72
C ARG A 170 18.02 -15.70 19.87
N ASP A 171 19.32 -15.81 20.16
CA ASP A 171 19.98 -17.11 20.30
C ASP A 171 19.82 -17.93 19.01
N ARG A 172 20.03 -17.26 17.87
CA ARG A 172 19.98 -17.88 16.54
C ARG A 172 18.61 -18.43 16.06
N LYS A 173 17.52 -17.94 16.63
CA LYS A 173 16.16 -18.32 16.22
C LYS A 173 15.34 -17.04 16.07
N VAL A 174 14.48 -16.94 15.05
CA VAL A 174 13.75 -15.68 14.88
C VAL A 174 13.04 -15.27 16.17
N LEU A 175 13.02 -13.96 16.43
CA LEU A 175 12.23 -13.40 17.51
C LEU A 175 10.78 -13.85 17.39
N ARG A 176 10.17 -14.10 18.54
CA ARG A 176 8.75 -14.39 18.62
C ARG A 176 7.97 -13.17 19.14
N GLU A 177 6.66 -13.21 18.98
CA GLU A 177 5.77 -12.17 19.50
C GLU A 177 6.10 -11.89 20.97
N GLY A 178 6.10 -10.61 21.35
CA GLY A 178 6.44 -10.22 22.71
C GLY A 178 7.91 -10.00 22.99
N GLU A 179 8.81 -10.71 22.29
CA GLU A 179 10.28 -10.56 22.50
C GLU A 179 10.79 -9.19 22.02
N ARG A 180 11.88 -8.71 22.64
CA ARG A 180 12.41 -7.39 22.35
CA ARG A 180 12.44 -7.39 22.37
C ARG A 180 13.29 -7.35 21.10
N LEU A 181 12.96 -6.42 20.21
CA LEU A 181 13.74 -6.15 19.01
C LEU A 181 14.38 -4.77 19.20
N THR A 182 15.70 -4.69 19.02
CA THR A 182 16.41 -3.41 18.92
C THR A 182 17.05 -3.28 17.55
N LEU A 183 17.07 -2.05 17.03
CA LEU A 183 17.64 -1.76 15.73
C LEU A 183 18.66 -0.65 15.85
N PRO A 184 19.87 -0.94 16.41
CA PRO A 184 20.81 0.14 16.78
C PRO A 184 21.47 0.83 15.60
N GLN A 185 21.73 0.07 14.54
CA GLN A 185 22.31 0.64 13.32
C GLN A 185 21.32 1.64 12.69
N LEU A 186 20.07 1.24 12.53
CA LEU A 186 19.05 2.14 11.97
C LEU A 186 18.88 3.39 12.80
N ALA A 187 18.99 3.22 14.11
CA ALA A 187 18.89 4.36 15.02
C ALA A 187 19.92 5.42 14.66
N ASP A 188 21.18 5.00 14.51
CA ASP A 188 22.24 5.92 14.02
C ASP A 188 21.94 6.54 12.65
N THR A 189 21.42 5.71 11.73
CA THR A 189 21.11 6.17 10.37
C THR A 189 20.01 7.23 10.43
N TYR A 190 18.98 6.97 11.25
CA TYR A 190 17.89 7.92 11.45
C TYR A 190 18.41 9.20 12.08
N GLU A 191 19.39 9.08 12.97
CA GLU A 191 19.98 10.25 13.60
C GLU A 191 20.74 11.10 12.56
N THR A 192 21.55 10.44 11.76
CA THR A 192 22.20 11.15 10.66
C THR A 192 21.17 11.86 9.77
N LEU A 193 20.08 11.17 9.42
CA LEU A 193 19.05 11.78 8.59
C LEU A 193 18.41 12.99 9.23
N ALA A 194 18.17 12.93 10.55
CA ALA A 194 17.55 14.01 11.29
C ALA A 194 18.42 15.27 11.28
N ILE A 195 19.72 15.07 11.47
CA ILE A 195 20.61 16.22 11.56
CA ILE A 195 20.74 16.13 11.58
C ILE A 195 21.19 16.65 10.20
N GLU A 196 21.60 15.73 9.33
CA GLU A 196 22.10 16.15 8.02
C GLU A 196 21.01 16.36 6.98
N GLY A 197 19.82 15.80 7.19
CA GLY A 197 18.74 15.96 6.22
C GLY A 197 18.67 14.86 5.15
N ALA A 198 17.72 15.03 4.25
CA ALA A 198 17.49 14.06 3.18
C ALA A 198 18.72 13.79 2.33
N GLN A 199 19.53 14.83 2.14
CA GLN A 199 20.70 14.75 1.27
C GLN A 199 21.74 13.74 1.74
N ALA A 200 21.72 13.37 3.01
CA ALA A 200 22.67 12.40 3.55
C ALA A 200 22.52 11.04 2.89
N PHE A 201 21.27 10.70 2.56
CA PHE A 201 20.94 9.46 1.86
C PHE A 201 21.31 9.51 0.37
N TYR A 202 20.87 10.56 -0.33
CA TYR A 202 20.98 10.62 -1.78
C TYR A 202 22.27 11.18 -2.33
N ASN A 203 22.93 12.03 -1.57
CA ASN A 203 24.18 12.67 -1.98
C ASN A 203 24.82 13.30 -0.75
N GLY A 204 25.40 12.45 0.08
CA GLY A 204 25.87 12.85 1.41
C GLY A 204 26.57 11.68 2.07
N SER A 205 26.54 11.67 3.41
CA SER A 205 27.38 10.75 4.16
C SER A 205 26.98 9.28 4.13
N LEU A 206 25.74 8.99 3.72
CA LEU A 206 25.26 7.60 3.67
C LEU A 206 25.40 6.99 2.28
N THR A 207 25.51 7.85 1.29
CA THR A 207 25.43 7.44 -0.09
C THR A 207 26.40 6.36 -0.49
N ALA A 208 27.69 6.51 -0.19
CA ALA A 208 28.67 5.53 -0.69
C ALA A 208 28.45 4.14 -0.09
N GLN A 209 28.05 4.11 1.16
CA GLN A 209 27.79 2.87 1.88
C GLN A 209 26.54 2.16 1.34
N ILE A 210 25.51 2.94 1.00
CA ILE A 210 24.31 2.37 0.39
C ILE A 210 24.72 1.61 -0.88
N VAL A 211 25.47 2.29 -1.74
CA VAL A 211 25.88 1.75 -3.02
C VAL A 211 26.72 0.49 -2.78
N LYS A 212 27.63 0.56 -1.83
CA LYS A 212 28.51 -0.55 -1.55
C LYS A 212 27.74 -1.79 -1.08
N ASP A 213 26.74 -1.60 -0.20
CA ASP A 213 25.91 -2.70 0.29
C ASP A 213 25.10 -3.35 -0.83
N ILE A 214 24.47 -2.53 -1.66
CA ILE A 214 23.68 -3.03 -2.78
C ILE A 214 24.55 -3.80 -3.75
N GLN A 215 25.68 -3.21 -4.16
CA GLN A 215 26.58 -3.85 -5.15
C GLN A 215 27.24 -5.08 -4.59
N ALA A 216 27.50 -5.12 -3.29
CA ALA A 216 28.23 -6.27 -2.75
C ALA A 216 27.30 -7.47 -2.72
N ALA A 217 26.00 -7.20 -2.79
CA ALA A 217 25.01 -8.28 -2.81
C ALA A 217 24.62 -8.63 -4.26
N GLY A 218 25.38 -8.09 -5.22
CA GLY A 218 25.18 -8.37 -6.64
C GLY A 218 24.38 -7.30 -7.38
N GLY A 219 24.10 -6.17 -6.71
CA GLY A 219 23.24 -5.14 -7.30
C GLY A 219 23.96 -4.25 -8.29
N ILE A 220 23.24 -3.30 -8.88
CA ILE A 220 23.79 -2.43 -9.91
C ILE A 220 23.39 -0.97 -9.73
N VAL A 221 22.81 -0.66 -8.58
CA VAL A 221 22.56 0.72 -8.17
C VAL A 221 23.90 1.42 -7.95
N THR A 222 23.98 2.66 -8.43
CA THR A 222 25.21 3.44 -8.37
C THR A 222 24.89 4.77 -7.71
N ALA A 223 25.93 5.46 -7.21
CA ALA A 223 25.80 6.81 -6.64
C ALA A 223 24.98 7.72 -7.52
N GLU A 224 25.17 7.62 -8.83
CA GLU A 224 24.43 8.44 -9.80
C GLU A 224 22.91 8.23 -9.68
N ASP A 225 22.52 6.97 -9.51
CA ASP A 225 21.10 6.61 -9.35
C ASP A 225 20.52 7.37 -8.16
N LEU A 226 21.24 7.33 -7.05
CA LEU A 226 20.80 8.02 -5.84
C LEU A 226 20.80 9.54 -6.05
N ASN A 227 21.90 10.10 -6.59
CA ASN A 227 21.96 11.53 -6.84
CA ASN A 227 21.95 11.54 -6.84
C ASN A 227 20.77 11.99 -7.68
N ASN A 228 20.39 11.17 -8.66
CA ASN A 228 19.32 11.56 -9.58
C ASN A 228 17.87 11.26 -9.17
N TYR A 229 17.66 10.48 -8.10
CA TYR A 229 16.28 10.18 -7.71
C TYR A 229 15.51 11.50 -7.43
N ARG A 230 14.29 11.64 -7.93
CA ARG A 230 13.43 12.77 -7.53
C ARG A 230 12.04 12.26 -7.14
N ALA A 231 11.54 12.65 -5.95
CA ALA A 231 10.11 12.51 -5.67
C ALA A 231 9.36 13.44 -6.60
N GLU A 232 8.09 13.14 -6.87
CA GLU A 232 7.32 13.92 -7.84
C GLU A 232 5.99 14.42 -7.26
N LEU A 233 5.71 15.71 -7.45
CA LEU A 233 4.41 16.27 -7.05
C LEU A 233 3.43 16.08 -8.18
N ILE A 234 2.30 15.48 -7.88
CA ILE A 234 1.23 15.35 -8.85
C ILE A 234 0.07 16.21 -8.34
N GLU A 235 -0.12 17.38 -8.96
CA GLU A 235 -1.13 18.33 -8.51
C GLU A 235 -2.54 17.88 -8.82
N HIS A 236 -2.71 17.05 -9.85
CA HIS A 236 -4.06 16.57 -10.19
C HIS A 236 -4.14 15.06 -10.14
N PRO A 237 -4.41 14.52 -8.95
CA PRO A 237 -4.55 13.08 -8.84
C PRO A 237 -5.81 12.63 -9.54
N LEU A 238 -5.97 11.32 -9.69
CA LEU A 238 -7.21 10.72 -10.15
C LEU A 238 -8.34 11.07 -9.21
N ASN A 239 -9.52 11.33 -9.76
CA ASN A 239 -10.71 11.44 -8.94
C ASN A 239 -11.90 10.74 -9.60
N ILE A 240 -12.82 10.24 -8.77
CA ILE A 240 -14.15 9.89 -9.26
C ILE A 240 -15.18 10.52 -8.34
N SER A 241 -16.37 10.65 -8.90
CA SER A 241 -17.51 11.16 -8.20
C SER A 241 -18.27 9.99 -7.61
N LEU A 242 -18.61 10.07 -6.33
CA LEU A 242 -19.38 9.05 -5.67
C LEU A 242 -20.46 9.74 -4.84
N GLY A 243 -21.69 9.76 -5.38
CA GLY A 243 -22.77 10.55 -4.78
C GLY A 243 -22.36 12.00 -4.62
N ASP A 244 -22.31 12.48 -3.39
CA ASP A 244 -21.94 13.88 -3.13
C ASP A 244 -20.47 14.03 -2.74
N ALA A 245 -19.67 13.02 -3.06
CA ALA A 245 -18.29 13.03 -2.63
C ALA A 245 -17.37 12.86 -3.81
N VAL A 246 -16.15 13.34 -3.67
CA VAL A 246 -15.14 13.02 -4.64
C VAL A 246 -14.08 12.13 -3.99
N LEU A 247 -13.55 11.19 -4.76
CA LEU A 247 -12.53 10.26 -4.26
CA LEU A 247 -12.56 10.24 -4.27
C LEU A 247 -11.23 10.47 -4.98
N TYR A 248 -10.23 10.92 -4.25
CA TYR A 248 -8.90 11.15 -4.79
C TYR A 248 -8.02 9.94 -4.53
N MET A 249 -7.30 9.51 -5.57
CA MET A 249 -6.41 8.32 -5.50
C MET A 249 -5.35 8.47 -6.58
N PRO A 250 -4.22 7.70 -6.48
CA PRO A 250 -3.15 7.89 -7.47
C PRO A 250 -3.44 7.18 -8.77
N SER A 251 -3.06 7.80 -9.89
CA SER A 251 -3.13 7.13 -11.20
C SER A 251 -1.99 6.13 -11.41
N ALA A 252 -1.90 5.55 -12.61
CA ALA A 252 -0.78 4.68 -12.95
C ALA A 252 0.51 5.46 -12.59
N PRO A 253 1.56 4.82 -12.05
CA PRO A 253 1.76 3.38 -11.95
C PRO A 253 1.06 2.68 -10.80
N LEU A 254 0.24 3.41 -10.03
CA LEU A 254 -0.50 2.79 -8.94
C LEU A 254 -1.88 2.34 -9.42
N SER A 255 -2.71 1.79 -8.53
CA SER A 255 -3.95 1.13 -8.97
C SER A 255 -5.26 1.91 -8.81
N GLY A 256 -5.15 3.22 -8.61
CA GLY A 256 -6.33 4.10 -8.68
C GLY A 256 -7.25 3.83 -9.86
N PRO A 257 -6.70 3.60 -11.07
CA PRO A 257 -7.59 3.35 -12.20
C PRO A 257 -8.42 2.10 -12.03
N VAL A 258 -7.81 1.04 -11.44
CA VAL A 258 -8.53 -0.21 -11.16
C VAL A 258 -9.63 0.05 -10.13
N LEU A 259 -9.28 0.72 -9.03
CA LEU A 259 -10.23 1.05 -7.99
C LEU A 259 -11.41 1.87 -8.54
N ALA A 260 -11.11 2.88 -9.37
CA ALA A 260 -12.14 3.70 -9.98
C ALA A 260 -13.10 2.85 -10.81
N LEU A 261 -12.55 1.94 -11.61
CA LEU A 261 -13.37 1.09 -12.46
C LEU A 261 -14.28 0.19 -11.63
N ILE A 262 -13.73 -0.43 -10.59
CA ILE A 262 -14.52 -1.30 -9.70
C ILE A 262 -15.72 -0.53 -9.15
N LEU A 263 -15.46 0.65 -8.59
CA LEU A 263 -16.51 1.42 -7.97
C LEU A 263 -17.48 2.04 -8.95
N ASN A 264 -17.02 2.49 -10.12
CA ASN A 264 -17.96 2.96 -11.15
C ASN A 264 -18.91 1.90 -11.70
N ILE A 265 -18.41 0.67 -11.85
CA ILE A 265 -19.24 -0.48 -12.21
C ILE A 265 -20.30 -0.71 -11.15
N LEU A 266 -19.89 -0.73 -9.88
CA LEU A 266 -20.81 -1.07 -8.83
C LEU A 266 -21.80 0.04 -8.47
N LYS A 267 -21.43 1.30 -8.68
CA LYS A 267 -22.32 2.37 -8.29
C LYS A 267 -23.66 2.33 -9.07
N GLY A 268 -23.64 1.81 -10.30
CA GLY A 268 -24.88 1.60 -11.06
C GLY A 268 -25.88 0.61 -10.47
N TYR A 269 -25.45 -0.18 -9.48
CA TYR A 269 -26.34 -1.09 -8.79
C TYR A 269 -27.04 -0.45 -7.58
N ASN A 270 -26.62 0.76 -7.20
CA ASN A 270 -27.16 1.47 -6.02
C ASN A 270 -27.28 0.59 -4.80
N PHE A 271 -26.18 -0.05 -4.42
CA PHE A 271 -26.13 -0.79 -3.16
C PHE A 271 -26.53 0.12 -2.01
N SER A 272 -27.10 -0.50 -0.98
CA SER A 272 -27.46 0.18 0.25
C SER A 272 -27.52 -0.92 1.30
N ARG A 273 -28.00 -0.58 2.52
CA ARG A 273 -28.23 -1.56 3.60
C ARG A 273 -29.07 -2.76 3.14
N GLU A 274 -30.07 -2.49 2.32
CA GLU A 274 -30.94 -3.53 1.81
C GLU A 274 -30.18 -4.60 1.03
N SER A 275 -29.10 -4.20 0.36
CA SER A 275 -28.29 -5.13 -0.45
C SER A 275 -27.70 -6.31 0.35
N VAL A 276 -27.61 -6.20 1.66
CA VAL A 276 -27.06 -7.27 2.50
C VAL A 276 -28.02 -7.77 3.57
N GLU A 277 -29.28 -7.38 3.47
CA GLU A 277 -30.33 -7.69 4.45
C GLU A 277 -30.80 -9.14 4.47
N SER A 278 -30.92 -9.76 3.30
CA SER A 278 -31.31 -11.18 3.20
C SER A 278 -30.24 -11.93 2.40
N PRO A 279 -30.11 -13.26 2.59
CA PRO A 279 -29.09 -14.02 1.85
C PRO A 279 -29.29 -14.01 0.33
N GLU A 280 -30.53 -13.82 -0.10
CA GLU A 280 -30.86 -13.70 -1.51
C GLU A 280 -30.21 -12.46 -2.09
N GLN A 281 -30.46 -11.29 -1.47
CA GLN A 281 -29.80 -10.05 -1.86
C GLN A 281 -28.27 -10.09 -1.64
N LYS A 282 -27.85 -10.51 -0.45
CA LYS A 282 -26.45 -10.52 -0.07
C LYS A 282 -25.61 -11.33 -1.07
N GLY A 283 -26.10 -12.51 -1.44
CA GLY A 283 -25.38 -13.37 -2.38
C GLY A 283 -25.24 -12.72 -3.75
N LEU A 284 -26.32 -12.09 -4.22
CA LEU A 284 -26.29 -11.43 -5.51
C LEU A 284 -25.33 -10.24 -5.47
N THR A 285 -25.36 -9.50 -4.36
CA THR A 285 -24.52 -8.35 -4.16
C THR A 285 -23.03 -8.73 -4.22
N TYR A 286 -22.64 -9.78 -3.50
CA TYR A 286 -21.25 -10.24 -3.50
C TYR A 286 -20.85 -10.84 -4.83
N HIS A 287 -21.76 -11.53 -5.52
CA HIS A 287 -21.47 -12.01 -6.85
C HIS A 287 -21.16 -10.83 -7.78
N ARG A 288 -22.00 -9.81 -7.75
CA ARG A 288 -21.77 -8.61 -8.56
C ARG A 288 -20.43 -7.92 -8.26
N ILE A 289 -20.11 -7.83 -6.97
CA ILE A 289 -18.81 -7.33 -6.55
C ILE A 289 -17.66 -8.12 -7.19
N VAL A 290 -17.68 -9.47 -7.11
CA VAL A 290 -16.60 -10.29 -7.67
C VAL A 290 -16.48 -10.11 -9.21
N GLU A 291 -17.63 -10.02 -9.88
CA GLU A 291 -17.66 -9.81 -11.34
C GLU A 291 -17.05 -8.47 -11.72
N ALA A 292 -17.32 -7.44 -10.90
CA ALA A 292 -16.70 -6.13 -11.08
C ALA A 292 -15.17 -6.18 -10.87
N PHE A 293 -14.73 -6.96 -9.88
CA PHE A 293 -13.30 -7.21 -9.70
C PHE A 293 -12.73 -7.76 -11.00
N ARG A 294 -13.42 -8.74 -11.56
CA ARG A 294 -12.93 -9.45 -12.72
C ARG A 294 -12.83 -8.53 -13.93
N PHE A 295 -13.89 -7.77 -14.19
CA PHE A 295 -13.81 -6.79 -15.26
C PHE A 295 -12.71 -5.77 -15.03
N ALA A 296 -12.52 -5.33 -13.79
CA ALA A 296 -11.54 -4.28 -13.54
C ALA A 296 -10.16 -4.83 -13.75
N TYR A 297 -9.93 -6.07 -13.31
CA TYR A 297 -8.61 -6.66 -13.45
C TYR A 297 -8.25 -7.04 -14.89
N ALA A 298 -9.27 -7.19 -15.74
CA ALA A 298 -9.02 -7.45 -17.16
C ALA A 298 -8.26 -6.29 -17.79
N LYS A 299 -8.62 -5.07 -17.42
CA LYS A 299 -8.03 -3.89 -18.05
C LYS A 299 -6.67 -3.51 -17.44
N ARG A 300 -6.48 -3.91 -16.18
CA ARG A 300 -5.24 -3.66 -15.43
C ARG A 300 -3.97 -4.05 -16.16
N THR A 301 -4.04 -5.10 -16.98
CA THR A 301 -2.84 -5.62 -17.66
C THR A 301 -2.24 -4.70 -18.73
N LEU A 302 -2.95 -3.61 -19.08
CA LEU A 302 -2.42 -2.61 -20.00
C LEU A 302 -1.76 -1.41 -19.29
N LEU A 303 -1.76 -1.42 -17.96
CA LEU A 303 -1.22 -0.31 -17.20
C LEU A 303 0.30 -0.44 -17.01
N GLY A 304 0.98 0.69 -16.95
CA GLY A 304 2.40 0.74 -16.60
C GLY A 304 2.74 2.19 -16.31
N ASP A 305 4.00 2.44 -15.97
CA ASP A 305 4.52 3.79 -15.71
C ASP A 305 4.18 4.71 -16.91
N PRO A 306 3.33 5.73 -16.70
CA PRO A 306 2.84 6.57 -17.83
C PRO A 306 3.91 7.43 -18.49
N LYS A 307 5.10 7.51 -17.89
CA LYS A 307 6.23 8.23 -18.48
C LYS A 307 6.93 7.39 -19.55
N PHE A 308 6.66 6.08 -19.55
CA PHE A 308 7.30 5.14 -20.48
C PHE A 308 6.30 4.46 -21.42
N VAL A 309 5.04 4.43 -21.03
CA VAL A 309 3.99 3.74 -21.77
CA VAL A 309 4.02 3.79 -21.84
C VAL A 309 2.80 4.69 -21.91
N ASP A 310 2.18 4.75 -23.08
CA ASP A 310 1.00 5.59 -23.25
C ASP A 310 -0.22 4.90 -22.68
N VAL A 311 -0.73 5.41 -21.57
CA VAL A 311 -1.88 4.83 -20.88
C VAL A 311 -3.07 5.76 -20.84
N THR A 312 -2.92 6.98 -21.35
CA THR A 312 -3.95 8.05 -21.19
C THR A 312 -5.36 7.60 -21.63
N GLU A 313 -5.39 6.82 -22.71
CA GLU A 313 -6.63 6.27 -23.26
C GLU A 313 -7.22 5.18 -22.36
N VAL A 314 -6.39 4.19 -22.00
CA VAL A 314 -6.76 3.12 -21.07
C VAL A 314 -7.31 3.70 -19.77
N VAL A 315 -6.57 4.66 -19.20
CA VAL A 315 -6.97 5.28 -17.94
C VAL A 315 -8.28 6.06 -18.10
N ARG A 316 -8.42 6.74 -19.24
CA ARG A 316 -9.67 7.47 -19.54
C ARG A 316 -10.85 6.49 -19.51
N ASN A 317 -10.71 5.36 -20.18
CA ASN A 317 -11.73 4.31 -20.11
C ASN A 317 -12.00 3.82 -18.69
N MET A 318 -10.95 3.63 -17.90
CA MET A 318 -11.10 3.04 -16.58
C MET A 318 -11.79 3.97 -15.59
N THR A 319 -11.75 5.27 -15.87
CA THR A 319 -12.39 6.28 -15.01
C THR A 319 -13.73 6.81 -15.57
N SER A 320 -14.10 6.33 -16.76
CA SER A 320 -15.34 6.71 -17.42
C SER A 320 -16.52 5.93 -16.90
N GLU A 321 -17.59 6.62 -16.53
CA GLU A 321 -18.80 5.95 -16.04
C GLU A 321 -19.53 5.18 -17.14
N PHE A 322 -19.47 5.71 -18.35
CA PHE A 322 -20.14 5.08 -19.45
C PHE A 322 -19.46 3.74 -19.77
N PHE A 323 -18.14 3.75 -19.76
CA PHE A 323 -17.39 2.52 -19.98
C PHE A 323 -17.77 1.52 -18.89
N ALA A 324 -17.89 2.02 -17.66
CA ALA A 324 -18.22 1.17 -16.54
C ALA A 324 -19.59 0.57 -16.74
N ALA A 325 -20.54 1.40 -17.20
CA ALA A 325 -21.90 0.95 -17.47
C ALA A 325 -21.91 -0.15 -18.52
N GLN A 326 -21.09 0.01 -19.56
CA GLN A 326 -20.94 -1.04 -20.57
C GLN A 326 -20.48 -2.36 -19.97
N LEU A 327 -19.55 -2.30 -19.01
CA LEU A 327 -19.10 -3.51 -18.33
C LEU A 327 -20.19 -4.07 -17.39
N ARG A 328 -20.86 -3.20 -16.65
CA ARG A 328 -21.93 -3.61 -15.74
CA ARG A 328 -21.91 -3.66 -15.73
C ARG A 328 -23.02 -4.43 -16.46
N ALA A 329 -23.31 -4.02 -17.70
CA ALA A 329 -24.35 -4.66 -18.51
C ALA A 329 -23.95 -6.06 -18.95
N GLN A 330 -22.65 -6.36 -18.91
CA GLN A 330 -22.20 -7.68 -19.26
C GLN A 330 -22.11 -8.59 -18.07
N ILE A 331 -22.32 -8.04 -16.87
CA ILE A 331 -22.39 -8.87 -15.67
C ILE A 331 -23.71 -9.65 -15.63
N SER A 332 -23.62 -10.97 -15.60
CA SER A 332 -24.79 -11.83 -15.49
C SER A 332 -25.08 -12.11 -14.03
N ASP A 333 -26.34 -11.97 -13.65
CA ASP A 333 -26.71 -12.14 -12.25
C ASP A 333 -26.69 -13.58 -11.78
N ASP A 334 -26.74 -14.51 -12.73
CA ASP A 334 -26.89 -15.93 -12.42
C ASP A 334 -25.63 -16.77 -12.64
N THR A 335 -24.57 -16.16 -13.15
CA THR A 335 -23.35 -16.90 -13.46
C THR A 335 -22.12 -16.00 -13.59
N THR A 336 -20.98 -16.57 -13.19
CA THR A 336 -19.69 -16.06 -13.58
C THR A 336 -19.30 -16.62 -14.97
N HIS A 337 -18.22 -16.08 -15.54
CA HIS A 337 -17.87 -16.42 -16.91
C HIS A 337 -16.42 -16.88 -17.04
N PRO A 338 -16.11 -17.52 -18.18
CA PRO A 338 -14.71 -17.80 -18.54
C PRO A 338 -13.83 -16.52 -18.69
N ILE A 339 -12.52 -16.69 -18.53
CA ILE A 339 -11.57 -15.58 -18.58
C ILE A 339 -11.73 -14.71 -19.84
N SER A 340 -11.90 -15.34 -21.00
CA SER A 340 -11.97 -14.59 -22.26
C SER A 340 -13.14 -13.64 -22.29
N TYR A 341 -14.13 -13.90 -21.46
CA TYR A 341 -15.36 -13.12 -21.48
C TYR A 341 -15.07 -11.67 -21.07
N TYR A 342 -14.09 -11.48 -20.19
CA TYR A 342 -13.78 -10.14 -19.69
C TYR A 342 -12.81 -9.34 -20.54
N LYS A 343 -12.33 -9.97 -21.62
CA LYS A 343 -11.41 -9.35 -22.57
C LYS A 343 -10.16 -8.79 -21.90
N PRO A 344 -9.42 -9.63 -21.15
CA PRO A 344 -8.12 -9.14 -20.70
C PRO A 344 -7.24 -8.84 -21.93
N GLU A 345 -6.45 -7.77 -21.87
CA GLU A 345 -5.58 -7.40 -22.98
C GLU A 345 -4.11 -7.34 -22.55
N PHE A 346 -3.24 -7.88 -23.39
CA PHE A 346 -1.80 -7.91 -23.13
C PHE A 346 -0.96 -7.12 -24.15
N TYR A 347 -1.62 -6.27 -24.95
CA TYR A 347 -1.02 -5.54 -26.07
C TYR A 347 -1.95 -4.43 -26.58
N THR A 348 -1.38 -3.41 -27.22
CA THR A 348 -2.12 -2.46 -28.10
C THR A 348 -1.18 -1.86 -29.14
N THR B 1 4.32 -4.08 2.59
N THR B 1 4.12 -3.80 2.00
CA THR B 1 3.56 -2.84 2.45
CA THR B 1 3.25 -2.64 2.14
C THR B 1 2.85 -2.49 3.76
C THR B 1 2.84 -2.45 3.60
N ALA B 2 2.69 -1.19 4.01
CA ALA B 2 1.98 -0.76 5.20
C ALA B 2 1.16 0.45 4.79
N HIS B 3 -0.06 0.56 5.29
CA HIS B 3 -0.85 1.73 5.01
C HIS B 3 -1.08 2.53 6.27
N LEU B 4 -1.13 3.84 6.12
CA LEU B 4 -1.35 4.74 7.23
C LEU B 4 -2.37 5.78 6.82
N SER B 5 -3.28 6.12 7.73
CA SER B 5 -4.31 7.15 7.48
C SER B 5 -4.28 8.16 8.61
N VAL B 6 -4.29 9.45 8.25
CA VAL B 6 -4.17 10.55 9.20
C VAL B 6 -5.16 11.69 8.86
N VAL B 7 -5.87 12.17 9.88
CA VAL B 7 -6.65 13.42 9.80
C VAL B 7 -6.24 14.39 10.91
N ALA B 8 -5.77 15.58 10.53
CA ALA B 8 -5.37 16.59 11.52
C ALA B 8 -6.55 17.44 12.01
N GLU B 9 -6.30 18.21 13.07
CA GLU B 9 -7.33 19.08 13.66
C GLU B 9 -7.95 20.11 12.69
N ASP B 10 -7.15 20.67 11.79
CA ASP B 10 -7.68 21.62 10.80
C ASP B 10 -8.46 20.92 9.68
N GLY B 11 -8.53 19.60 9.73
CA GLY B 11 -9.28 18.82 8.74
C GLY B 11 -8.50 18.38 7.51
N SER B 12 -7.21 18.72 7.45
CA SER B 12 -6.31 18.16 6.44
C SER B 12 -6.04 16.67 6.70
N ALA B 13 -5.67 15.94 5.65
CA ALA B 13 -5.61 14.50 5.75
C ALA B 13 -4.51 13.96 4.86
N VAL B 14 -3.95 12.84 5.30
CA VAL B 14 -2.91 12.13 4.55
C VAL B 14 -3.27 10.65 4.49
N SER B 15 -3.24 10.10 3.29
CA SER B 15 -3.36 8.68 3.12
C SER B 15 -2.03 8.20 2.54
N ALA B 16 -1.36 7.30 3.22
CA ALA B 16 0.02 6.97 2.82
C ALA B 16 0.24 5.50 2.81
N THR B 17 0.66 4.99 1.65
CA THR B 17 1.03 3.60 1.54
C THR B 17 2.50 3.52 1.15
N SER B 18 3.24 2.65 1.84
CA SER B 18 4.66 2.53 1.68
C SER B 18 5.11 1.07 1.66
N THR B 19 6.19 0.76 0.92
CA THR B 19 6.54 -0.64 0.70
C THR B 19 7.99 -0.91 0.40
N ILE B 20 8.49 -2.04 0.91
CA ILE B 20 9.74 -2.62 0.42
C ILE B 20 9.45 -3.89 -0.40
N ASN B 21 8.18 -4.08 -0.74
CA ASN B 21 7.65 -5.20 -1.53
C ASN B 21 7.44 -6.48 -0.74
N LEU B 22 8.27 -7.50 -0.91
CA LEU B 22 8.07 -8.76 -0.15
C LEU B 22 8.48 -8.60 1.32
N TYR B 23 8.06 -9.56 2.14
CA TYR B 23 8.52 -9.57 3.54
C TYR B 23 10.06 -9.42 3.55
N PHE B 24 10.55 -8.40 4.28
CA PHE B 24 12.01 -8.10 4.36
C PHE B 24 12.68 -7.76 3.02
N GLY B 25 11.86 -7.35 2.04
CA GLY B 25 12.34 -6.92 0.72
C GLY B 25 13.30 -7.91 0.06
N SER B 26 14.42 -7.37 -0.40
CA SER B 26 15.45 -8.16 -1.04
C SER B 26 16.18 -9.13 -0.10
N LYS B 27 15.93 -9.04 1.20
CA LYS B 27 16.72 -9.78 2.22
C LYS B 27 18.15 -9.24 2.35
N VAL B 28 18.41 -8.08 1.75
CA VAL B 28 19.70 -7.39 1.92
C VAL B 28 19.56 -6.30 2.97
N ARG B 29 20.17 -6.57 4.14
CA ARG B 29 20.33 -5.59 5.19
C ARG B 29 21.76 -5.08 5.19
N SER B 30 21.92 -3.77 5.30
CA SER B 30 23.25 -3.21 5.47
C SER B 30 23.77 -3.44 6.88
N PRO B 31 24.99 -4.02 7.00
CA PRO B 31 25.54 -4.24 8.33
C PRO B 31 25.95 -2.93 9.02
N VAL B 32 26.22 -1.90 8.22
CA VAL B 32 26.65 -0.61 8.72
C VAL B 32 25.46 0.30 9.02
N SER B 33 24.54 0.45 8.08
CA SER B 33 23.48 1.42 8.24
C SER B 33 22.20 0.83 8.82
N GLY B 34 22.04 -0.49 8.71
CA GLY B 34 20.80 -1.15 9.14
C GLY B 34 19.64 -1.05 8.16
N ILE B 35 19.84 -0.40 7.01
CA ILE B 35 18.77 -0.28 6.02
C ILE B 35 18.46 -1.65 5.39
N LEU B 36 17.18 -1.97 5.34
CA LEU B 36 16.69 -3.13 4.63
C LEU B 36 16.26 -2.70 3.26
N PHE B 37 16.88 -3.27 2.23
CA PHE B 37 16.59 -2.81 0.87
C PHE B 37 15.43 -3.52 0.22
N ASN B 38 14.58 -2.73 -0.44
CA ASN B 38 13.42 -3.25 -1.18
C ASN B 38 13.80 -4.29 -2.24
N ASN B 39 12.85 -5.15 -2.61
CA ASN B 39 12.94 -5.88 -3.89
C ASN B 39 11.84 -5.48 -4.83
N GLU B 40 11.65 -4.18 -5.03
CA GLU B 40 10.61 -3.67 -5.91
C GLU B 40 10.80 -4.03 -7.40
N MET B 41 12.02 -4.38 -7.81
CA MET B 41 12.26 -4.90 -9.19
C MET B 41 11.32 -6.09 -9.49
N ASP B 42 10.88 -6.80 -8.45
CA ASP B 42 9.99 -7.93 -8.66
C ASP B 42 8.58 -7.58 -9.10
N ASP B 43 8.19 -6.32 -8.96
CA ASP B 43 6.88 -5.88 -9.43
C ASP B 43 6.84 -5.63 -10.93
N PHE B 44 7.99 -5.65 -11.59
CA PHE B 44 7.98 -5.55 -13.05
C PHE B 44 7.59 -6.91 -13.61
N SER B 45 7.00 -6.88 -14.79
CA SER B 45 6.84 -8.08 -15.59
C SER B 45 8.15 -8.43 -16.29
N SER B 46 8.45 -9.71 -16.43
CA SER B 46 9.61 -10.14 -17.22
C SER B 46 9.22 -11.09 -18.36
N PRO B 47 9.78 -10.89 -19.57
CA PRO B 47 9.43 -11.82 -20.67
C PRO B 47 9.86 -13.28 -20.42
N SER B 48 10.88 -13.49 -19.59
CA SER B 48 11.31 -14.86 -19.33
C SER B 48 10.47 -15.58 -18.29
N ILE B 49 10.11 -14.88 -17.23
CA ILE B 49 9.46 -15.48 -16.07
C ILE B 49 7.93 -15.66 -16.25
N THR B 50 7.46 -16.90 -16.08
N THR B 50 7.45 -16.89 -16.05
CA THR B 50 6.04 -17.20 -16.06
CA THR B 50 6.00 -17.18 -16.11
C THR B 50 5.56 -17.35 -14.63
C THR B 50 5.42 -17.41 -14.71
N ASN B 51 4.78 -16.38 -14.17
CA ASN B 51 4.22 -16.40 -12.80
C ASN B 51 3.08 -17.41 -12.62
N GLU B 52 2.06 -17.27 -13.45
CA GLU B 52 0.90 -18.15 -13.37
C GLU B 52 0.70 -18.91 -14.66
N PHE B 53 0.35 -20.17 -14.51
CA PHE B 53 -0.03 -21.05 -15.60
C PHE B 53 -0.98 -20.32 -16.55
N GLY B 54 -0.56 -20.22 -17.81
CA GLY B 54 -1.36 -19.64 -18.88
C GLY B 54 -1.40 -18.14 -18.95
N VAL B 55 -0.66 -17.48 -18.06
CA VAL B 55 -0.66 -16.01 -17.96
C VAL B 55 0.59 -15.41 -18.61
N PRO B 56 0.40 -14.67 -19.72
CA PRO B 56 1.55 -14.09 -20.41
C PRO B 56 2.10 -12.84 -19.66
N PRO B 57 3.35 -12.43 -19.96
CA PRO B 57 3.87 -11.23 -19.34
C PRO B 57 3.17 -9.98 -19.89
N SER B 58 3.17 -8.90 -19.12
CA SER B 58 2.59 -7.63 -19.55
C SER B 58 3.68 -6.67 -20.05
N PRO B 59 3.76 -6.46 -21.36
CA PRO B 59 4.79 -5.57 -21.94
C PRO B 59 4.73 -4.11 -21.46
N ALA B 60 3.54 -3.64 -21.09
CA ALA B 60 3.44 -2.29 -20.53
C ALA B 60 4.23 -2.14 -19.20
N ASN B 61 4.47 -3.26 -18.52
CA ASN B 61 5.14 -3.24 -17.22
C ASN B 61 6.51 -3.95 -17.24
N PHE B 62 7.18 -3.94 -18.40
CA PHE B 62 8.56 -4.42 -18.49
C PHE B 62 9.52 -3.36 -17.91
N ILE B 63 10.69 -3.84 -17.49
CA ILE B 63 11.76 -3.02 -16.95
C ILE B 63 12.37 -2.11 -18.02
N GLN B 64 12.51 -0.83 -17.68
CA GLN B 64 13.32 0.11 -18.43
C GLN B 64 14.10 0.92 -17.39
N PRO B 65 15.37 1.34 -17.68
CA PRO B 65 16.08 2.23 -16.74
C PRO B 65 15.23 3.48 -16.46
N GLY B 66 15.11 3.86 -15.18
CA GLY B 66 14.29 5.02 -14.78
C GLY B 66 12.80 4.79 -14.64
N LYS B 67 12.32 3.59 -14.98
CA LYS B 67 10.88 3.33 -14.98
C LYS B 67 10.40 2.83 -13.61
N GLN B 68 9.15 3.10 -13.28
CA GLN B 68 8.56 2.64 -12.01
C GLN B 68 7.67 1.45 -12.28
N PRO B 69 7.80 0.38 -11.46
CA PRO B 69 6.95 -0.80 -11.67
C PRO B 69 5.52 -0.56 -11.25
N LEU B 70 4.59 -1.26 -11.91
CA LEU B 70 3.18 -1.21 -11.55
C LEU B 70 3.00 -1.62 -10.08
N SER B 71 2.05 -0.96 -9.42
CA SER B 71 1.77 -1.24 -8.02
C SER B 71 0.28 -1.44 -7.81
N SER B 72 -0.06 -2.27 -6.83
CA SER B 72 -1.46 -2.47 -6.43
C SER B 72 -1.91 -1.43 -5.43
N MET B 73 -1.00 -0.61 -4.94
CA MET B 73 -1.33 0.34 -3.88
C MET B 73 -2.34 1.37 -4.35
N CYS B 74 -3.16 1.87 -3.44
CA CYS B 74 -4.10 2.95 -3.81
CA CYS B 74 -4.16 2.87 -3.79
C CYS B 74 -4.58 3.71 -2.58
N PRO B 75 -3.67 4.52 -2.00
CA PRO B 75 -4.07 5.34 -0.85
C PRO B 75 -5.05 6.44 -1.27
N THR B 76 -6.15 6.53 -0.55
CA THR B 76 -7.33 7.19 -1.05
C THR B 76 -7.88 8.17 0.00
N ILE B 77 -8.38 9.32 -0.48
CA ILE B 77 -9.07 10.27 0.38
C ILE B 77 -10.40 10.65 -0.27
N MET B 78 -11.47 10.42 0.48
CA MET B 78 -12.78 10.80 0.02
C MET B 78 -13.18 12.10 0.72
N VAL B 79 -13.56 13.09 -0.08
CA VAL B 79 -13.90 14.42 0.42
C VAL B 79 -15.36 14.74 0.09
N GLY B 80 -16.11 15.27 1.05
CA GLY B 80 -17.52 15.64 0.84
C GLY B 80 -17.65 16.87 -0.03
N GLN B 81 -18.86 17.10 -0.56
CA GLN B 81 -19.12 18.30 -1.39
C GLN B 81 -18.78 19.63 -0.69
N ASP B 82 -18.93 19.66 0.64
CA ASP B 82 -18.62 20.83 1.46
C ASP B 82 -17.12 21.02 1.71
N GLY B 83 -16.28 20.23 1.03
CA GLY B 83 -14.83 20.32 1.23
C GLY B 83 -14.27 19.69 2.52
N GLN B 84 -15.10 18.99 3.28
CA GLN B 84 -14.60 18.29 4.45
C GLN B 84 -14.33 16.82 4.15
N VAL B 85 -13.20 16.31 4.63
CA VAL B 85 -12.84 14.89 4.51
C VAL B 85 -13.92 13.97 5.06
N ARG B 86 -14.29 12.96 4.28
CA ARG B 86 -15.25 11.94 4.74
C ARG B 86 -14.59 10.60 5.10
N MET B 87 -13.53 10.24 4.38
CA MET B 87 -12.90 8.96 4.57
C MET B 87 -11.44 9.00 4.15
N VAL B 88 -10.57 8.44 4.99
CA VAL B 88 -9.18 8.28 4.64
C VAL B 88 -8.91 6.80 4.76
N VAL B 89 -8.51 6.17 3.65
CA VAL B 89 -8.44 4.71 3.61
C VAL B 89 -7.40 4.20 2.64
N GLY B 90 -6.88 3.01 2.94
CA GLY B 90 -5.92 2.36 2.06
C GLY B 90 -5.63 0.99 2.61
N ALA B 91 -4.81 0.21 1.91
CA ALA B 91 -4.56 -1.14 2.33
C ALA B 91 -3.17 -1.59 1.99
N ALA B 92 -2.76 -2.69 2.62
CA ALA B 92 -1.54 -3.40 2.31
C ALA B 92 -1.92 -4.82 1.89
N GLY B 93 -1.10 -5.50 1.09
CA GLY B 93 -1.38 -6.91 0.75
C GLY B 93 -1.46 -7.37 -0.71
N GLY B 94 -0.48 -7.00 -1.50
CA GLY B 94 -0.39 -7.50 -2.85
C GLY B 94 -1.51 -6.99 -3.74
N THR B 95 -1.98 -7.87 -4.61
CA THR B 95 -3.05 -7.53 -5.55
C THR B 95 -4.38 -7.39 -4.83
N GLN B 96 -4.42 -7.84 -3.58
CA GLN B 96 -5.59 -7.70 -2.73
C GLN B 96 -5.79 -6.29 -2.19
N ILE B 97 -4.78 -5.44 -2.32
CA ILE B 97 -4.92 -4.06 -1.82
C ILE B 97 -6.10 -3.33 -2.46
N THR B 98 -6.23 -3.41 -3.78
CA THR B 98 -7.25 -2.64 -4.51
C THR B 98 -8.67 -3.11 -4.19
N THR B 99 -8.84 -4.44 -4.13
CA THR B 99 -10.14 -5.03 -3.89
C THR B 99 -10.51 -4.79 -2.42
N ALA B 100 -9.53 -4.90 -1.53
CA ALA B 100 -9.80 -4.67 -0.10
C ALA B 100 -10.14 -3.20 0.17
N THR B 101 -9.48 -2.29 -0.54
CA THR B 101 -9.80 -0.87 -0.43
C THR B 101 -11.21 -0.61 -0.97
N ALA B 102 -11.55 -1.20 -2.11
CA ALA B 102 -12.91 -1.20 -2.65
C ALA B 102 -13.87 -1.72 -1.61
N LEU B 103 -13.55 -2.86 -1.00
CA LEU B 103 -14.47 -3.45 -0.04
C LEU B 103 -14.75 -2.51 1.13
N ALA B 104 -13.69 -1.99 1.77
CA ALA B 104 -13.87 -1.08 2.90
C ALA B 104 -14.76 0.11 2.52
N ILE B 105 -14.60 0.65 1.31
CA ILE B 105 -15.39 1.82 0.90
C ILE B 105 -16.84 1.41 0.74
N ILE B 106 -17.05 0.30 0.02
CA ILE B 106 -18.38 -0.29 -0.18
C ILE B 106 -19.05 -0.54 1.18
N TYR B 107 -18.33 -1.22 2.08
CA TYR B 107 -18.85 -1.54 3.41
C TYR B 107 -19.32 -0.28 4.15
N ASN B 108 -18.50 0.75 4.18
CA ASN B 108 -18.87 1.95 4.90
C ASN B 108 -19.89 2.82 4.16
N LEU B 109 -19.51 3.25 2.96
CA LEU B 109 -20.30 4.17 2.19
C LEU B 109 -21.68 3.65 1.80
N TRP B 110 -21.78 2.39 1.35
CA TRP B 110 -23.04 1.81 0.85
C TRP B 110 -23.78 0.85 1.78
N PHE B 111 -23.08 -0.09 2.41
CA PHE B 111 -23.74 -1.01 3.34
C PHE B 111 -24.02 -0.34 4.69
N GLY B 112 -23.37 0.80 4.94
CA GLY B 112 -23.53 1.54 6.18
C GLY B 112 -22.88 0.95 7.43
N TYR B 113 -21.83 0.13 7.30
CA TYR B 113 -21.08 -0.34 8.46
C TYR B 113 -20.18 0.77 9.03
N ASP B 114 -20.11 0.87 10.35
CA ASP B 114 -19.18 1.81 10.96
C ASP B 114 -17.74 1.41 10.58
N VAL B 115 -16.83 2.37 10.68
CA VAL B 115 -15.45 2.19 10.24
C VAL B 115 -14.79 0.91 10.78
N LYS B 116 -14.96 0.63 12.07
CA LYS B 116 -14.36 -0.56 12.65
C LYS B 116 -14.93 -1.82 12.00
N ARG B 117 -16.26 -1.84 11.81
CA ARG B 117 -16.87 -3.02 11.22
C ARG B 117 -16.38 -3.18 9.78
N ALA B 118 -16.34 -2.06 9.07
CA ALA B 118 -15.90 -1.99 7.67
C ALA B 118 -14.49 -2.58 7.48
N VAL B 119 -13.61 -2.32 8.43
CA VAL B 119 -12.24 -2.86 8.46
C VAL B 119 -12.22 -4.34 8.85
N GLU B 120 -13.05 -4.73 9.80
CA GLU B 120 -13.01 -6.11 10.37
C GLU B 120 -13.82 -7.12 9.57
N GLU B 121 -14.82 -6.62 8.85
CA GLU B 121 -15.68 -7.43 8.00
C GLU B 121 -14.87 -8.33 7.08
N PRO B 122 -15.31 -9.59 6.93
CA PRO B 122 -14.63 -10.52 6.03
C PRO B 122 -14.57 -10.00 4.61
N ARG B 123 -13.52 -10.40 3.91
CA ARG B 123 -13.27 -9.95 2.56
C ARG B 123 -13.15 -11.12 1.61
N LEU B 124 -13.17 -10.81 0.32
CA LEU B 124 -12.91 -11.80 -0.72
C LEU B 124 -12.18 -11.09 -1.85
N HIS B 125 -11.66 -11.87 -2.79
CA HIS B 125 -10.78 -11.35 -3.79
C HIS B 125 -10.86 -12.22 -5.02
N ASN B 126 -10.91 -11.58 -6.18
CA ASN B 126 -10.71 -12.26 -7.42
C ASN B 126 -9.97 -11.31 -8.34
N GLN B 127 -8.96 -11.81 -9.03
CA GLN B 127 -8.17 -10.95 -9.91
C GLN B 127 -8.15 -11.44 -11.34
N LEU B 128 -9.18 -12.21 -11.70
CA LEU B 128 -9.33 -12.75 -13.06
C LEU B 128 -8.34 -13.88 -13.37
N LEU B 129 -7.05 -13.60 -13.26
CA LEU B 129 -6.03 -14.64 -13.36
C LEU B 129 -5.13 -14.57 -12.14
N PRO B 130 -5.07 -15.62 -11.31
CA PRO B 130 -5.79 -16.88 -11.54
C PRO B 130 -7.30 -16.79 -11.37
N ASN B 131 -7.96 -17.87 -11.78
CA ASN B 131 -9.38 -17.94 -12.06
C ASN B 131 -10.14 -18.54 -10.88
N VAL B 132 -10.14 -17.80 -9.78
CA VAL B 132 -10.54 -18.33 -8.50
C VAL B 132 -10.92 -17.18 -7.57
N THR B 133 -11.97 -17.40 -6.77
CA THR B 133 -12.41 -16.42 -5.80
C THR B 133 -11.95 -16.87 -4.43
N THR B 134 -11.12 -16.03 -3.81
CA THR B 134 -10.58 -16.35 -2.51
C THR B 134 -11.43 -15.64 -1.48
N VAL B 135 -11.87 -16.38 -0.47
CA VAL B 135 -12.68 -15.81 0.60
C VAL B 135 -11.96 -15.97 1.92
N GLU B 136 -12.16 -15.01 2.83
CA GLU B 136 -11.64 -15.18 4.19
C GLU B 136 -12.41 -16.26 4.94
N ARG B 137 -11.74 -16.86 5.93
CA ARG B 137 -12.26 -17.93 6.79
C ARG B 137 -13.64 -17.70 7.42
N ASN B 138 -13.90 -16.49 7.93
CA ASN B 138 -15.15 -16.22 8.64
C ASN B 138 -16.22 -15.49 7.80
N ILE B 139 -16.09 -15.59 6.48
CA ILE B 139 -17.10 -15.03 5.57
C ILE B 139 -18.44 -15.72 5.82
N ASP B 140 -19.52 -14.95 5.65
CA ASP B 140 -20.87 -15.49 5.67
C ASP B 140 -20.97 -16.62 4.65
N GLN B 141 -21.26 -17.83 5.11
CA GLN B 141 -21.26 -18.97 4.23
C GLN B 141 -22.43 -19.00 3.26
N ALA B 142 -23.43 -18.14 3.47
CA ALA B 142 -24.46 -17.93 2.45
C ALA B 142 -23.88 -17.20 1.22
N VAL B 143 -22.90 -16.32 1.45
CA VAL B 143 -22.13 -15.70 0.35
C VAL B 143 -21.36 -16.78 -0.45
N THR B 144 -20.61 -17.62 0.25
CA THR B 144 -19.93 -18.75 -0.38
C THR B 144 -20.90 -19.57 -1.24
N ALA B 145 -22.06 -19.90 -0.69
CA ALA B 145 -23.06 -20.67 -1.41
C ALA B 145 -23.54 -19.92 -2.65
N ALA B 146 -23.82 -18.64 -2.50
CA ALA B 146 -24.30 -17.84 -3.61
C ALA B 146 -23.26 -17.75 -4.73
N LEU B 147 -21.98 -17.72 -4.37
CA LEU B 147 -20.91 -17.71 -5.36
C LEU B 147 -20.79 -19.07 -6.05
N GLU B 148 -20.80 -20.16 -5.27
CA GLU B 148 -20.64 -21.50 -5.86
C GLU B 148 -21.82 -21.94 -6.73
N THR B 149 -23.04 -21.57 -6.38
CA THR B 149 -24.15 -21.93 -7.25
C THR B 149 -24.07 -21.11 -8.54
N ARG B 150 -23.27 -20.04 -8.52
CA ARG B 150 -23.11 -19.21 -9.70
C ARG B 150 -21.83 -19.55 -10.46
N HIS B 151 -21.29 -20.72 -10.13
CA HIS B 151 -20.15 -21.36 -10.79
C HIS B 151 -18.79 -20.76 -10.47
N HIS B 152 -18.69 -19.95 -9.41
CA HIS B 152 -17.36 -19.49 -8.94
C HIS B 152 -16.69 -20.66 -8.27
N HIS B 153 -15.40 -20.85 -8.49
CA HIS B 153 -14.64 -21.79 -7.67
CA HIS B 153 -14.67 -21.79 -7.67
C HIS B 153 -14.00 -21.02 -6.54
N THR B 154 -14.47 -21.25 -5.32
CA THR B 154 -13.94 -20.54 -4.18
C THR B 154 -12.90 -21.37 -3.44
N GLN B 155 -12.01 -20.67 -2.73
CA GLN B 155 -11.08 -21.33 -1.83
C GLN B 155 -10.81 -20.38 -0.66
N ILE B 156 -10.42 -20.97 0.46
CA ILE B 156 -10.34 -20.23 1.70
C ILE B 156 -8.93 -19.71 1.88
N ALA B 157 -8.79 -18.44 2.22
CA ALA B 157 -7.46 -17.86 2.40
C ALA B 157 -6.86 -18.52 3.63
N SER B 158 -5.66 -19.08 3.49
CA SER B 158 -4.98 -19.74 4.61
C SER B 158 -4.64 -18.78 5.75
N THR B 159 -4.34 -17.51 5.41
CA THR B 159 -4.14 -16.49 6.46
C THR B 159 -5.31 -15.51 6.48
N PHE B 160 -5.23 -14.46 5.68
CA PHE B 160 -6.22 -13.37 5.67
C PHE B 160 -6.03 -12.59 4.40
N ILE B 161 -6.95 -11.69 4.12
CA ILE B 161 -6.90 -10.93 2.86
C ILE B 161 -6.73 -9.45 3.21
N ALA B 162 -5.52 -8.94 2.95
CA ALA B 162 -5.15 -7.52 3.04
C ALA B 162 -5.13 -6.96 4.45
N VAL B 163 -4.69 -5.71 4.58
CA VAL B 163 -4.66 -5.02 5.87
C VAL B 163 -5.13 -3.58 5.63
N VAL B 164 -6.24 -3.19 6.25
CA VAL B 164 -6.84 -1.86 6.00
C VAL B 164 -6.77 -0.95 7.24
N GLN B 165 -6.24 0.26 7.05
CA GLN B 165 -6.35 1.29 8.07
C GLN B 165 -7.31 2.36 7.55
N ALA B 166 -8.21 2.84 8.38
CA ALA B 166 -9.19 3.81 7.89
C ALA B 166 -9.65 4.81 8.93
N ILE B 167 -10.00 6.00 8.45
CA ILE B 167 -10.62 7.00 9.29
C ILE B 167 -11.86 7.54 8.58
N VAL B 168 -12.93 7.72 9.35
CA VAL B 168 -14.20 8.20 8.83
C VAL B 168 -14.71 9.35 9.70
N ARG B 169 -15.24 10.39 9.05
N ARG B 169 -15.24 10.39 9.05
CA ARG B 169 -15.92 11.49 9.75
CA ARG B 169 -15.91 11.49 9.77
C ARG B 169 -17.29 11.01 10.25
C ARG B 169 -17.29 11.05 10.24
N THR B 170 -17.57 11.26 11.53
CA THR B 170 -18.89 10.96 12.11
C THR B 170 -19.43 12.20 12.83
N ALA B 171 -20.66 12.10 13.33
CA ALA B 171 -21.24 13.12 14.21
C ALA B 171 -20.32 13.38 15.42
N GLY B 172 -19.84 12.29 16.05
CA GLY B 172 -18.91 12.35 17.20
C GLY B 172 -17.51 12.94 16.94
N GLY B 173 -17.07 12.89 15.68
CA GLY B 173 -15.75 13.41 15.31
C GLY B 173 -15.20 12.45 14.29
N TRP B 174 -13.96 12.01 14.49
CA TRP B 174 -13.31 11.08 13.58
C TRP B 174 -13.22 9.69 14.16
N ALA B 175 -13.87 8.74 13.48
CA ALA B 175 -13.83 7.35 13.88
C ALA B 175 -12.66 6.72 13.14
N ALA B 176 -11.83 5.98 13.87
CA ALA B 176 -10.61 5.42 13.29
C ALA B 176 -10.52 3.94 13.54
N ALA B 177 -9.93 3.22 12.60
CA ALA B 177 -9.79 1.78 12.74
C ALA B 177 -8.50 1.27 12.13
N SER B 178 -7.87 0.36 12.86
CA SER B 178 -6.71 -0.35 12.39
C SER B 178 -7.08 -1.83 12.38
N ASP B 179 -6.54 -2.54 11.40
CA ASP B 179 -6.94 -3.88 11.09
C ASP B 179 -6.37 -4.88 12.11
N SER B 180 -7.25 -5.64 12.74
CA SER B 180 -6.84 -6.60 13.77
C SER B 180 -6.05 -7.74 13.16
N ARG B 181 -6.13 -7.87 11.83
CA ARG B 181 -5.38 -8.90 11.14
C ARG B 181 -3.88 -8.67 11.28
N LYS B 182 -3.46 -7.42 11.45
CA LYS B 182 -2.02 -7.15 11.66
C LYS B 182 -1.72 -6.71 13.11
N GLY B 183 -2.72 -6.18 13.82
CA GLY B 183 -2.59 -5.86 15.26
C GLY B 183 -2.36 -4.38 15.55
N GLY B 184 -2.55 -3.54 14.55
CA GLY B 184 -2.46 -2.10 14.78
C GLY B 184 -3.54 -1.59 15.71
N GLU B 185 -3.31 -0.41 16.26
CA GLU B 185 -4.34 0.28 17.00
C GLU B 185 -4.20 1.77 16.68
N PRO B 186 -5.33 2.48 16.49
CA PRO B 186 -5.33 3.92 16.25
C PRO B 186 -4.98 4.74 17.50
N ALA B 187 -4.78 6.04 17.30
CA ALA B 187 -4.66 6.97 18.41
C ALA B 187 -5.11 8.34 17.93
N GLY B 188 -5.45 9.22 18.85
CA GLY B 188 -6.01 10.54 18.52
C GLY B 188 -6.25 11.35 19.78
N TYR B 189 -6.94 12.48 19.61
CA TYR B 189 -7.39 13.28 20.76
C TYR B 189 -8.58 14.12 20.32
#